data_5J6C
#
_entry.id   5J6C
#
_cell.length_a   67.908
_cell.length_b   70.732
_cell.length_c   87.882
_cell.angle_alpha   90.000
_cell.angle_beta   90.000
_cell.angle_gamma   90.000
#
_symmetry.space_group_name_H-M   'P 21 21 21'
#
loop_
_entity.id
_entity.type
_entity.pdbx_description
1 polymer 'Putative reductase'
2 non-polymer 'FLAVIN MONONUCLEOTIDE'
3 non-polymer IMIDAZOLE
4 water water
#
_entity_poly.entity_id   1
_entity_poly.type   'polypeptide(L)'
_entity_poly.pdbx_seq_one_letter_code
;MHHHHHHSSGVDLGTENLYFQSMKGMIYMIGFLKKRRSIRKYKDVEVEKEKLDKILKAALLAPSSKGLRTWEFIVVDDKE
KLINLSQCRTKGGGFFLKNAPLAIVIIADKEKNDVWIEDASIAASYIQLQAHELGLGSCWIQVRNRMYDDNIEADKYIRE
ELKVPSKYSVECIISIGYSDEEKKAYNDSDLDYKKVHFNNF
;
_entity_poly.pdbx_strand_id   A,B
#
loop_
_chem_comp.id
_chem_comp.type
_chem_comp.name
_chem_comp.formula
FMN non-polymer 'FLAVIN MONONUCLEOTIDE' 'C17 H21 N4 O9 P'
IMD non-polymer IMIDAZOLE 'C3 H5 N2 1'
#
# COMPACT_ATOMS: atom_id res chain seq x y z
N MET A 29 3.67 -8.38 15.42
CA MET A 29 3.39 -7.64 14.19
C MET A 29 4.64 -6.96 13.64
N ILE A 30 5.32 -6.16 14.48
CA ILE A 30 6.67 -5.75 14.13
C ILE A 30 7.56 -6.97 13.93
N GLY A 31 7.42 -7.98 14.80
CA GLY A 31 8.15 -9.22 14.58
C GLY A 31 7.73 -9.90 13.29
N PHE A 32 6.42 -9.96 13.06
CA PHE A 32 5.87 -10.37 11.78
C PHE A 32 6.53 -9.65 10.60
N LEU A 33 6.62 -8.32 10.67
CA LEU A 33 7.15 -7.55 9.54
C LEU A 33 8.66 -7.66 9.41
N LYS A 34 9.37 -7.84 10.53
CA LYS A 34 10.82 -8.04 10.47
C LYS A 34 11.17 -9.31 9.71
N LYS A 35 10.30 -10.32 9.75
CA LYS A 35 10.55 -11.58 9.07
C LYS A 35 10.03 -11.62 7.63
N ARG A 36 9.33 -10.56 7.18
CA ARG A 36 8.84 -10.48 5.81
C ARG A 36 9.97 -10.06 4.88
N ARG A 37 10.41 -10.96 4.00
CA ARG A 37 11.43 -10.70 2.98
C ARG A 37 10.91 -11.15 1.63
N SER A 38 11.25 -10.41 0.57
CA SER A 38 10.81 -10.79 -0.76
C SER A 38 11.47 -12.09 -1.21
N ILE A 39 10.68 -12.97 -1.79
CA ILE A 39 11.14 -14.30 -2.17
C ILE A 39 10.98 -14.45 -3.68
N ARG A 40 12.06 -14.84 -4.35
CA ARG A 40 12.07 -15.01 -5.79
C ARG A 40 12.48 -16.42 -6.21
N LYS A 41 12.66 -17.34 -5.26
CA LYS A 41 12.95 -18.74 -5.55
C LYS A 41 12.03 -19.62 -4.71
N TYR A 42 11.30 -20.53 -5.37
CA TYR A 42 10.20 -21.24 -4.74
C TYR A 42 10.32 -22.75 -4.86
N LYS A 43 9.79 -23.44 -3.86
CA LYS A 43 9.65 -24.89 -3.96
C LYS A 43 8.66 -25.23 -5.08
N ASP A 44 8.77 -26.46 -5.59
CA ASP A 44 7.94 -26.91 -6.71
C ASP A 44 6.65 -27.50 -6.14
N VAL A 45 5.86 -26.62 -5.54
CA VAL A 45 4.70 -27.00 -4.72
C VAL A 45 3.57 -26.02 -5.01
N GLU A 46 2.39 -26.54 -5.34
CA GLU A 46 1.23 -25.69 -5.57
C GLU A 46 0.86 -24.96 -4.27
N VAL A 47 0.27 -23.78 -4.41
CA VAL A 47 -0.29 -23.08 -3.26
C VAL A 47 -1.72 -23.58 -3.06
N GLU A 48 -2.00 -24.18 -1.90
CA GLU A 48 -3.25 -24.92 -1.75
C GLU A 48 -4.41 -23.95 -1.69
N LYS A 49 -5.58 -24.45 -2.10
CA LYS A 49 -6.74 -23.61 -2.35
C LYS A 49 -7.14 -22.84 -1.10
N GLU A 50 -7.00 -23.47 0.06
CA GLU A 50 -7.40 -22.84 1.31
C GLU A 50 -6.56 -21.60 1.63
N LYS A 51 -5.29 -21.58 1.20
CA LYS A 51 -4.45 -20.41 1.43
C LYS A 51 -4.71 -19.34 0.37
N LEU A 52 -4.85 -19.74 -0.90
CA LEU A 52 -5.27 -18.79 -1.93
C LEU A 52 -6.53 -18.05 -1.50
N ASP A 53 -7.50 -18.78 -0.96
CA ASP A 53 -8.79 -18.17 -0.60
C ASP A 53 -8.61 -17.09 0.46
N LYS A 54 -7.78 -17.36 1.48
CA LYS A 54 -7.57 -16.36 2.52
C LYS A 54 -6.81 -15.15 1.97
N ILE A 55 -5.88 -15.37 1.03
CA ILE A 55 -5.18 -14.24 0.40
C ILE A 55 -6.15 -13.36 -0.37
N LEU A 56 -7.07 -13.97 -1.11
CA LEU A 56 -8.05 -13.18 -1.86
C LEU A 56 -9.00 -12.43 -0.93
N LYS A 57 -9.38 -13.05 0.21
CA LYS A 57 -10.21 -12.37 1.20
C LYS A 57 -9.52 -11.13 1.76
N ALA A 58 -8.22 -11.23 2.07
CA ALA A 58 -7.50 -10.06 2.55
C ALA A 58 -7.50 -8.96 1.50
N ALA A 59 -7.26 -9.31 0.23
CA ALA A 59 -7.27 -8.31 -0.83
C ALA A 59 -8.62 -7.63 -0.96
N LEU A 60 -9.71 -8.41 -0.87
CA LEU A 60 -11.05 -7.84 -1.02
C LEU A 60 -11.45 -6.95 0.15
N LEU A 61 -10.72 -6.97 1.26
CA LEU A 61 -11.01 -6.16 2.42
C LEU A 61 -10.20 -4.87 2.46
N ALA A 62 -9.44 -4.60 1.40
CA ALA A 62 -8.53 -3.46 1.41
C ALA A 62 -9.31 -2.14 1.37
N PRO A 63 -8.89 -1.14 2.14
CA PRO A 63 -9.53 0.17 2.03
C PRO A 63 -9.19 0.80 0.67
N SER A 64 -10.18 1.48 0.09
CA SER A 64 -10.01 2.12 -1.19
C SER A 64 -10.58 3.54 -1.13
N SER A 65 -10.03 4.42 -1.95
CA SER A 65 -10.55 5.79 -2.03
C SER A 65 -12.03 5.77 -2.34
N LYS A 66 -12.82 6.51 -1.54
CA LYS A 66 -14.27 6.61 -1.70
C LYS A 66 -14.99 5.27 -1.62
N GLY A 67 -14.36 4.27 -1.01
CA GLY A 67 -14.90 2.92 -1.01
C GLY A 67 -15.12 2.33 -2.40
N LEU A 68 -14.54 2.94 -3.44
CA LEU A 68 -14.90 2.59 -4.81
C LEU A 68 -14.32 1.27 -5.26
N ARG A 69 -13.32 0.73 -4.56
CA ARG A 69 -12.73 -0.57 -4.89
C ARG A 69 -12.39 -0.68 -6.38
N THR A 70 -11.56 0.25 -6.87
CA THR A 70 -11.26 0.29 -8.30
C THR A 70 -10.52 -0.96 -8.79
N TRP A 71 -9.93 -1.74 -7.90
CA TRP A 71 -9.04 -2.82 -8.33
C TRP A 71 -9.83 -4.05 -8.79
N GLU A 72 -9.10 -4.96 -9.43
CA GLU A 72 -9.53 -6.33 -9.71
C GLU A 72 -8.29 -7.21 -9.71
N PHE A 73 -8.51 -8.51 -9.51
CA PHE A 73 -7.42 -9.46 -9.32
C PHE A 73 -7.55 -10.58 -10.33
N ILE A 74 -6.44 -10.88 -11.00
CA ILE A 74 -6.35 -12.01 -11.91
C ILE A 74 -5.41 -13.01 -11.28
N VAL A 75 -5.98 -14.11 -10.83
CA VAL A 75 -5.23 -15.24 -10.29
C VAL A 75 -4.69 -16.08 -11.43
N VAL A 76 -3.38 -16.31 -11.44
CA VAL A 76 -2.74 -17.06 -12.51
C VAL A 76 -1.97 -18.23 -11.90
N ASP A 77 -2.33 -19.46 -12.30
CA ASP A 77 -1.56 -20.63 -11.91
C ASP A 77 -1.22 -21.52 -13.10
N ASP A 78 -1.62 -21.14 -14.30
CA ASP A 78 -1.25 -21.88 -15.50
C ASP A 78 0.22 -21.63 -15.82
N LYS A 79 0.98 -22.71 -15.97
CA LYS A 79 2.43 -22.58 -16.08
C LYS A 79 2.82 -21.79 -17.33
N GLU A 80 2.11 -22.03 -18.44
CA GLU A 80 2.43 -21.33 -19.67
C GLU A 80 2.15 -19.84 -19.54
N LYS A 81 1.03 -19.47 -18.91
CA LYS A 81 0.74 -18.06 -18.64
C LYS A 81 1.83 -17.44 -17.76
N LEU A 82 2.34 -18.20 -16.79
CA LEU A 82 3.34 -17.67 -15.88
C LEU A 82 4.65 -17.40 -16.62
N ILE A 83 5.01 -18.28 -17.56
CA ILE A 83 6.17 -18.05 -18.42
C ILE A 83 5.96 -16.78 -19.23
N ASN A 84 4.80 -16.67 -19.91
CA ASN A 84 4.50 -15.47 -20.69
C ASN A 84 4.63 -14.21 -19.83
N LEU A 85 4.08 -14.24 -18.62
CA LEU A 85 4.11 -13.06 -17.76
C LEU A 85 5.51 -12.76 -17.22
N SER A 86 6.36 -13.77 -17.09
CA SER A 86 7.73 -13.52 -16.64
C SER A 86 8.53 -12.71 -17.65
N GLN A 87 8.05 -12.62 -18.88
CA GLN A 87 8.68 -11.83 -19.94
C GLN A 87 8.14 -10.40 -20.02
N CYS A 88 7.35 -9.94 -19.04
CA CYS A 88 6.66 -8.66 -19.19
C CYS A 88 7.62 -7.48 -19.18
N ARG A 89 8.80 -7.66 -18.62
CA ARG A 89 9.87 -6.67 -18.70
C ARG A 89 11.09 -7.44 -19.22
N THR A 90 11.36 -7.29 -20.53
CA THR A 90 12.40 -8.09 -21.17
C THR A 90 13.77 -7.80 -20.60
N LYS A 91 13.95 -6.67 -19.94
CA LYS A 91 15.25 -6.33 -19.40
C LYS A 91 15.38 -6.69 -17.92
N GLY A 92 14.41 -7.42 -17.36
CA GLY A 92 14.50 -7.89 -15.99
C GLY A 92 13.43 -7.31 -15.09
N GLY A 93 13.10 -8.02 -14.01
CA GLY A 93 12.10 -7.54 -13.08
C GLY A 93 11.19 -8.65 -12.59
N GLY A 94 10.77 -9.50 -13.53
CA GLY A 94 9.87 -10.58 -13.20
C GLY A 94 10.25 -11.93 -13.81
N PHE A 95 11.52 -12.08 -14.20
CA PHE A 95 11.96 -13.34 -14.82
C PHE A 95 11.68 -14.52 -13.91
N PHE A 96 11.84 -14.34 -12.59
CA PHE A 96 11.63 -15.46 -11.67
C PHE A 96 10.20 -15.95 -11.68
N LEU A 97 9.27 -15.16 -12.20
CA LEU A 97 7.87 -15.56 -12.18
C LEU A 97 7.65 -16.88 -12.91
N LYS A 98 8.52 -17.21 -13.87
CA LYS A 98 8.37 -18.46 -14.61
C LYS A 98 8.47 -19.68 -13.70
N ASN A 99 9.12 -19.56 -12.54
CA ASN A 99 9.31 -20.67 -11.61
C ASN A 99 8.40 -20.58 -10.40
N ALA A 100 7.46 -19.68 -10.41
CA ALA A 100 6.55 -19.51 -9.29
C ALA A 100 5.33 -20.40 -9.49
N PRO A 101 4.71 -20.87 -8.40
CA PRO A 101 3.48 -21.67 -8.55
C PRO A 101 2.23 -20.82 -8.70
N LEU A 102 2.28 -19.55 -8.31
CA LEU A 102 1.09 -18.74 -8.24
C LEU A 102 1.47 -17.29 -8.48
N ALA A 103 0.54 -16.54 -9.08
CA ALA A 103 0.69 -15.10 -9.23
C ALA A 103 -0.68 -14.48 -9.13
N ILE A 104 -0.74 -13.27 -8.59
CA ILE A 104 -1.93 -12.44 -8.63
C ILE A 104 -1.56 -11.13 -9.31
N VAL A 105 -2.17 -10.88 -10.46
CA VAL A 105 -2.01 -9.61 -11.18
C VAL A 105 -3.06 -8.64 -10.64
N ILE A 106 -2.60 -7.49 -10.15
CA ILE A 106 -3.48 -6.45 -9.63
C ILE A 106 -3.71 -5.40 -10.72
N ILE A 107 -4.96 -5.29 -11.17
CA ILE A 107 -5.35 -4.29 -12.16
C ILE A 107 -6.36 -3.36 -11.51
N ALA A 108 -6.60 -2.22 -12.16
CA ALA A 108 -7.50 -1.23 -11.61
C ALA A 108 -8.21 -0.51 -12.73
N ASP A 109 -9.50 -0.26 -12.53
CA ASP A 109 -10.30 0.54 -13.46
C ASP A 109 -9.87 2.00 -13.34
N LYS A 110 -9.03 2.46 -14.27
CA LYS A 110 -8.43 3.78 -14.14
C LYS A 110 -9.38 4.92 -14.49
N GLU A 111 -10.57 4.63 -15.01
CA GLU A 111 -11.60 5.67 -15.16
C GLU A 111 -12.43 5.84 -13.89
N LYS A 112 -12.38 4.88 -12.96
CA LYS A 112 -13.18 4.97 -11.74
C LYS A 112 -12.61 6.01 -10.78
N ASN A 113 -11.29 6.18 -10.75
CA ASN A 113 -10.62 7.10 -9.86
C ASN A 113 -9.20 7.32 -10.38
N ASP A 114 -8.65 8.49 -10.05
CA ASP A 114 -7.27 8.83 -10.39
C ASP A 114 -6.27 8.32 -9.37
N VAL A 115 -6.73 7.89 -8.19
CA VAL A 115 -5.84 7.36 -7.16
C VAL A 115 -5.99 5.84 -7.14
N TRP A 116 -6.26 5.25 -8.31
CA TRP A 116 -6.24 3.80 -8.45
C TRP A 116 -4.86 3.21 -8.17
N ILE A 117 -3.80 4.01 -8.37
CA ILE A 117 -2.45 3.57 -8.01
C ILE A 117 -2.38 3.26 -6.52
N GLU A 118 -2.90 4.18 -5.70
CA GLU A 118 -2.95 3.96 -4.26
C GLU A 118 -3.80 2.74 -3.94
N ASP A 119 -5.03 2.69 -4.46
CA ASP A 119 -5.93 1.57 -4.21
C ASP A 119 -5.23 0.25 -4.48
N ALA A 120 -4.66 0.13 -5.68
CA ALA A 120 -4.04 -1.12 -6.10
C ALA A 120 -2.86 -1.45 -5.20
N SER A 121 -2.10 -0.43 -4.79
CA SER A 121 -0.91 -0.66 -3.99
C SER A 121 -1.28 -1.21 -2.62
N ILE A 122 -2.38 -0.70 -2.05
CA ILE A 122 -2.82 -1.17 -0.74
C ILE A 122 -3.28 -2.61 -0.82
N ALA A 123 -4.08 -2.94 -1.84
CA ALA A 123 -4.53 -4.31 -2.00
C ALA A 123 -3.36 -5.27 -2.16
N ALA A 124 -2.37 -4.88 -2.96
CA ALA A 124 -1.19 -5.74 -3.15
C ALA A 124 -0.43 -5.93 -1.85
N SER A 125 -0.39 -4.90 -0.99
CA SER A 125 0.30 -5.05 0.28
C SER A 125 -0.47 -5.99 1.19
N TYR A 126 -1.82 -5.91 1.17
CA TYR A 126 -2.61 -6.86 1.94
C TYR A 126 -2.38 -8.28 1.46
N ILE A 127 -2.22 -8.46 0.14
CA ILE A 127 -1.95 -9.80 -0.41
C ILE A 127 -0.63 -10.32 0.12
N GLN A 128 0.42 -9.50 0.06
CA GLN A 128 1.74 -9.93 0.52
C GLN A 128 1.74 -10.22 2.02
N LEU A 129 1.02 -9.44 2.83
CA LEU A 129 1.01 -9.68 4.27
C LEU A 129 0.26 -10.97 4.59
N GLN A 130 -0.89 -11.19 3.95
CA GLN A 130 -1.63 -12.42 4.22
C GLN A 130 -0.87 -13.64 3.72
N ALA A 131 -0.19 -13.54 2.58
CA ALA A 131 0.70 -14.62 2.16
C ALA A 131 1.74 -14.91 3.22
N HIS A 132 2.33 -13.86 3.80
CA HIS A 132 3.35 -14.02 4.83
C HIS A 132 2.79 -14.73 6.06
N GLU A 133 1.58 -14.35 6.50
CA GLU A 133 1.00 -15.01 7.67
C GLU A 133 0.71 -16.48 7.40
N LEU A 134 0.51 -16.86 6.14
CA LEU A 134 0.22 -18.24 5.82
C LEU A 134 1.47 -19.04 5.46
N GLY A 135 2.65 -18.50 5.76
CA GLY A 135 3.89 -19.23 5.57
C GLY A 135 4.39 -19.27 4.16
N LEU A 136 3.88 -18.41 3.28
CA LEU A 136 4.31 -18.33 1.90
C LEU A 136 5.22 -17.11 1.73
N GLY A 137 6.08 -17.18 0.72
CA GLY A 137 6.88 -16.03 0.32
C GLY A 137 6.24 -15.36 -0.89
N SER A 138 6.61 -14.10 -1.12
CA SER A 138 6.07 -13.41 -2.28
C SER A 138 7.04 -12.31 -2.73
N CYS A 139 6.80 -11.80 -3.94
CA CYS A 139 7.59 -10.70 -4.45
C CYS A 139 6.73 -9.84 -5.37
N TRP A 140 6.83 -8.54 -5.19
CA TRP A 140 6.12 -7.58 -6.03
C TRP A 140 6.90 -7.41 -7.33
N ILE A 141 6.20 -7.47 -8.45
CA ILE A 141 6.78 -7.21 -9.76
C ILE A 141 6.14 -5.94 -10.28
N GLN A 142 6.92 -4.86 -10.36
CA GLN A 142 6.39 -3.57 -10.78
C GLN A 142 6.00 -3.59 -12.26
N VAL A 143 4.80 -3.09 -12.58
CA VAL A 143 4.32 -2.99 -13.96
C VAL A 143 4.09 -1.56 -14.39
N ARG A 144 3.33 -0.79 -13.60
CA ARG A 144 3.13 0.62 -13.91
C ARG A 144 4.47 1.32 -14.06
N ASN A 145 4.59 2.16 -15.10
CA ASN A 145 5.79 2.93 -15.37
C ASN A 145 6.98 2.06 -15.74
N ARG A 146 6.74 0.81 -16.13
CA ARG A 146 7.78 -0.10 -16.57
C ARG A 146 7.54 -0.51 -18.01
N MET A 147 8.63 -0.77 -18.73
CA MET A 147 8.53 -1.10 -20.14
C MET A 147 8.76 -2.59 -20.34
N TYR A 148 7.93 -3.20 -21.21
CA TYR A 148 8.30 -4.50 -21.78
C TYR A 148 9.63 -4.40 -22.53
N ASP A 149 9.76 -3.38 -23.37
CA ASP A 149 11.03 -3.03 -24.03
C ASP A 149 10.93 -1.57 -24.43
N ASP A 150 11.88 -1.11 -25.25
CA ASP A 150 11.93 0.31 -25.57
C ASP A 150 10.66 0.83 -26.25
N ASN A 151 9.85 -0.05 -26.85
CA ASN A 151 8.67 0.38 -27.59
C ASN A 151 7.34 0.06 -26.93
N ILE A 152 7.28 -0.89 -26.01
CA ILE A 152 6.00 -1.40 -25.51
C ILE A 152 5.97 -1.27 -23.99
N GLU A 153 4.85 -0.77 -23.46
CA GLU A 153 4.65 -0.72 -22.01
C GLU A 153 4.41 -2.13 -21.46
N ALA A 154 4.93 -2.40 -20.26
CA ALA A 154 4.64 -3.69 -19.63
C ALA A 154 3.14 -3.86 -19.40
N ASP A 155 2.47 -2.77 -19.01
CA ASP A 155 1.01 -2.78 -18.89
C ASP A 155 0.35 -3.36 -20.14
N LYS A 156 0.69 -2.81 -21.31
CA LYS A 156 0.05 -3.24 -22.55
C LYS A 156 0.35 -4.70 -22.86
N TYR A 157 1.60 -5.12 -22.63
CA TYR A 157 1.95 -6.52 -22.84
C TYR A 157 1.07 -7.45 -21.99
N ILE A 158 0.90 -7.13 -20.71
CA ILE A 158 0.13 -7.99 -19.83
C ILE A 158 -1.35 -7.99 -20.20
N ARG A 159 -1.91 -6.82 -20.53
CA ARG A 159 -3.31 -6.77 -20.91
C ARG A 159 -3.57 -7.63 -22.14
N GLU A 160 -2.64 -7.65 -23.10
CA GLU A 160 -2.79 -8.54 -24.25
C GLU A 160 -2.71 -10.00 -23.81
N GLU A 161 -1.81 -10.31 -22.88
CA GLU A 161 -1.61 -11.68 -22.46
C GLU A 161 -2.82 -12.20 -21.69
N LEU A 162 -3.46 -11.34 -20.90
CA LEU A 162 -4.57 -11.75 -20.05
C LEU A 162 -5.93 -11.25 -20.58
N LYS A 163 -5.96 -10.65 -21.76
CA LYS A 163 -7.20 -10.22 -22.42
C LYS A 163 -7.94 -9.18 -21.58
N VAL A 164 -7.18 -8.24 -21.02
CA VAL A 164 -7.73 -7.21 -20.13
C VAL A 164 -8.23 -6.04 -20.96
N PRO A 165 -9.46 -5.57 -20.77
CA PRO A 165 -9.93 -4.40 -21.53
C PRO A 165 -9.10 -3.16 -21.21
N SER A 166 -9.16 -2.20 -22.13
CA SER A 166 -8.27 -1.05 -22.09
C SER A 166 -8.58 -0.06 -20.98
N LYS A 167 -9.81 -0.06 -20.45
CA LYS A 167 -10.07 0.87 -19.36
C LYS A 167 -9.29 0.53 -18.10
N TYR A 168 -8.71 -0.68 -18.03
CA TYR A 168 -7.91 -1.13 -16.90
C TYR A 168 -6.44 -0.84 -17.13
N SER A 169 -5.75 -0.58 -16.04
CA SER A 169 -4.29 -0.47 -16.01
C SER A 169 -3.72 -1.52 -15.06
N VAL A 170 -2.55 -2.05 -15.38
CA VAL A 170 -1.89 -3.08 -14.58
C VAL A 170 -0.92 -2.42 -13.63
N GLU A 171 -1.10 -2.67 -12.33
CA GLU A 171 -0.25 -2.05 -11.32
C GLU A 171 1.01 -2.88 -11.07
N CYS A 172 0.84 -4.17 -10.83
CA CYS A 172 1.95 -5.03 -10.45
C CYS A 172 1.46 -6.47 -10.49
N ILE A 173 2.42 -7.40 -10.51
CA ILE A 173 2.16 -8.81 -10.32
C ILE A 173 2.76 -9.22 -8.97
N ILE A 174 2.00 -9.98 -8.18
CA ILE A 174 2.53 -10.58 -6.96
C ILE A 174 2.74 -12.07 -7.24
N SER A 175 3.99 -12.52 -7.24
CA SER A 175 4.29 -13.94 -7.32
C SER A 175 4.31 -14.51 -5.91
N ILE A 176 3.74 -15.71 -5.75
CA ILE A 176 3.46 -16.31 -4.45
C ILE A 176 3.87 -17.77 -4.48
N GLY A 177 4.39 -18.28 -3.37
CA GLY A 177 4.72 -19.68 -3.27
C GLY A 177 5.54 -19.94 -2.03
N TYR A 178 5.85 -21.23 -1.83
CA TYR A 178 6.68 -21.64 -0.69
C TYR A 178 8.14 -21.33 -0.99
N SER A 179 8.81 -20.68 -0.05
CA SER A 179 10.14 -20.17 -0.29
C SER A 179 11.16 -21.29 -0.42
N ASP A 180 12.08 -21.13 -1.37
CA ASP A 180 13.20 -22.05 -1.52
C ASP A 180 14.52 -21.29 -1.44
N GLU A 181 14.55 -20.20 -0.67
CA GLU A 181 15.77 -19.48 -0.41
C GLU A 181 15.70 -18.87 0.98
N GLU A 182 16.86 -18.77 1.62
CA GLU A 182 16.90 -18.26 2.98
C GLU A 182 17.13 -16.75 2.94
N LYS A 183 16.46 -16.03 3.84
CA LYS A 183 16.53 -14.59 3.85
C LYS A 183 16.61 -14.11 5.29
N LYS A 184 17.59 -13.27 5.59
CA LYS A 184 17.75 -12.73 6.93
C LYS A 184 16.61 -11.79 7.30
N ALA A 185 16.14 -11.90 8.54
CA ALA A 185 15.15 -10.99 9.07
C ALA A 185 15.75 -9.62 9.35
N TYR A 186 14.88 -8.61 9.31
CA TYR A 186 15.31 -7.25 9.58
C TYR A 186 15.64 -7.04 11.05
N ASN A 187 16.51 -6.09 11.31
CA ASN A 187 17.05 -5.72 12.61
C ASN A 187 16.47 -4.38 13.04
N ASP A 188 16.42 -4.15 14.36
CA ASP A 188 16.20 -2.79 14.85
C ASP A 188 17.19 -1.84 14.21
N SER A 189 18.43 -2.28 14.03
CA SER A 189 19.47 -1.43 13.48
C SER A 189 19.26 -1.16 12.00
N ASP A 190 18.46 -1.96 11.31
CA ASP A 190 18.14 -1.68 9.92
C ASP A 190 17.22 -0.49 9.74
N LEU A 191 16.56 -0.03 10.80
CA LEU A 191 15.53 0.99 10.69
C LEU A 191 16.12 2.38 10.46
N ASP A 192 15.50 3.13 9.56
CA ASP A 192 16.00 4.43 9.10
C ASP A 192 15.35 5.59 9.88
N TYR A 193 15.82 5.82 11.10
CA TYR A 193 15.23 6.89 11.91
C TYR A 193 15.51 8.27 11.34
N LYS A 194 16.53 8.45 10.50
CA LYS A 194 16.73 9.71 9.78
C LYS A 194 15.51 10.14 8.99
N LYS A 195 14.63 9.20 8.65
CA LYS A 195 13.45 9.44 7.83
C LYS A 195 12.25 9.87 8.65
N VAL A 196 12.38 9.98 9.96
CA VAL A 196 11.32 10.43 10.84
C VAL A 196 11.57 11.87 11.23
N HIS A 197 10.58 12.73 11.02
CA HIS A 197 10.66 14.14 11.38
C HIS A 197 9.53 14.46 12.35
N PHE A 198 9.79 15.38 13.27
CA PHE A 198 8.82 15.69 14.30
C PHE A 198 8.35 17.13 14.14
N ASN A 199 7.06 17.28 13.84
CA ASN A 199 6.35 18.56 13.78
C ASN A 199 6.73 19.46 12.61
N ASN A 200 7.94 19.31 12.08
CA ASN A 200 8.31 19.90 10.80
C ASN A 200 9.34 18.99 10.16
N PHE A 201 9.57 19.19 8.87
CA PHE A 201 10.64 18.47 8.18
C PHE A 201 11.98 18.70 8.88
N MET B 29 -5.86 -12.63 11.08
CA MET B 29 -5.50 -11.62 10.07
C MET B 29 -6.69 -11.20 9.24
N ILE B 30 -7.44 -12.17 8.73
CA ILE B 30 -8.72 -11.85 8.10
C ILE B 30 -9.64 -11.16 9.10
N GLY B 31 -9.77 -11.72 10.31
CA GLY B 31 -10.59 -11.09 11.33
C GLY B 31 -10.06 -9.75 11.76
N PHE B 32 -8.73 -9.65 11.89
CA PHE B 32 -8.05 -8.37 12.08
C PHE B 32 -8.49 -7.35 11.02
N LEU B 33 -8.48 -7.75 9.75
CA LEU B 33 -8.82 -6.79 8.70
C LEU B 33 -10.32 -6.48 8.66
N LYS B 34 -11.16 -7.46 8.99
CA LYS B 34 -12.60 -7.17 9.03
C LYS B 34 -12.94 -6.12 10.08
N LYS B 35 -12.11 -5.96 11.10
CA LYS B 35 -12.36 -4.98 12.15
C LYS B 35 -11.75 -3.61 11.85
N ARG B 36 -10.99 -3.48 10.77
CA ARG B 36 -10.36 -2.22 10.40
C ARG B 36 -11.39 -1.35 9.67
N ARG B 37 -11.83 -0.28 10.32
CA ARG B 37 -12.70 0.72 9.71
C ARG B 37 -12.06 2.09 9.83
N SER B 38 -12.20 2.92 8.80
CA SER B 38 -11.64 4.26 8.85
C SER B 38 -12.34 5.08 9.92
N ILE B 39 -11.55 5.74 10.77
CA ILE B 39 -12.04 6.48 11.92
C ILE B 39 -11.72 7.96 11.71
N ARG B 40 -12.73 8.81 11.87
CA ARG B 40 -12.59 10.25 11.62
C ARG B 40 -12.90 11.10 12.83
N LYS B 41 -13.39 10.50 13.92
CA LYS B 41 -13.77 11.21 15.14
C LYS B 41 -13.10 10.49 16.31
N TYR B 42 -12.38 11.24 17.14
CA TYR B 42 -11.46 10.69 18.12
C TYR B 42 -11.71 11.21 19.53
N LYS B 43 -11.46 10.36 20.53
CA LYS B 43 -11.43 10.80 21.91
C LYS B 43 -10.34 11.86 22.10
N ASP B 44 -10.52 12.72 23.10
CA ASP B 44 -9.52 13.70 23.48
C ASP B 44 -8.45 13.01 24.34
N VAL B 45 -7.69 12.14 23.70
CA VAL B 45 -6.67 11.31 24.34
C VAL B 45 -5.44 11.27 23.44
N GLU B 46 -4.27 11.55 24.02
CA GLU B 46 -3.04 11.53 23.24
C GLU B 46 -2.63 10.09 22.92
N VAL B 47 -1.96 9.94 21.78
CA VAL B 47 -1.39 8.64 21.45
C VAL B 47 -0.07 8.52 22.21
N GLU B 48 0.00 7.51 23.09
CA GLU B 48 1.20 7.28 23.91
C GLU B 48 2.46 7.16 23.05
N LYS B 49 3.55 7.70 23.59
CA LYS B 49 4.87 7.56 22.98
C LYS B 49 5.13 6.12 22.55
N GLU B 50 4.86 5.17 23.46
CA GLU B 50 5.14 3.76 23.21
C GLU B 50 4.39 3.26 21.97
N LYS B 51 3.17 3.74 21.77
CA LYS B 51 2.40 3.33 20.60
C LYS B 51 2.92 4.00 19.34
N LEU B 52 3.15 5.32 19.39
CA LEU B 52 3.72 6.02 18.24
C LEU B 52 5.02 5.37 17.78
N ASP B 53 5.85 4.94 18.73
CA ASP B 53 7.13 4.34 18.39
C ASP B 53 6.95 3.05 17.60
N LYS B 54 6.00 2.21 17.99
CA LYS B 54 5.76 0.97 17.24
C LYS B 54 5.22 1.28 15.86
N ILE B 55 4.34 2.28 15.74
CA ILE B 55 3.77 2.65 14.45
C ILE B 55 4.87 3.05 13.48
N LEU B 56 5.81 3.88 13.95
CA LEU B 56 6.94 4.27 13.12
C LEU B 56 7.80 3.07 12.72
N LYS B 57 8.04 2.15 13.66
CA LYS B 57 8.83 0.97 13.33
C LYS B 57 8.19 0.22 12.18
N ALA B 58 6.87 0.00 12.25
CA ALA B 58 6.18 -0.69 11.16
C ALA B 58 6.35 0.08 9.85
N ALA B 59 6.31 1.41 9.91
CA ALA B 59 6.45 2.20 8.70
C ALA B 59 7.84 2.03 8.09
N LEU B 60 8.86 1.98 8.94
CA LEU B 60 10.25 1.84 8.51
C LEU B 60 10.59 0.45 8.00
N LEU B 61 9.69 -0.52 8.17
CA LEU B 61 9.88 -1.88 7.70
C LEU B 61 9.16 -2.13 6.37
N ALA B 62 8.61 -1.10 5.74
CA ALA B 62 7.83 -1.29 4.52
C ALA B 62 8.72 -1.68 3.35
N PRO B 63 8.31 -2.66 2.54
CA PRO B 63 9.04 -2.93 1.31
C PRO B 63 8.92 -1.76 0.36
N SER B 64 10.03 -1.41 -0.28
CA SER B 64 10.06 -0.30 -1.22
C SER B 64 10.74 -0.74 -2.50
N SER B 65 10.44 -0.03 -3.58
CA SER B 65 11.01 -0.40 -4.87
C SER B 65 12.51 -0.21 -4.83
N LYS B 66 13.24 -1.25 -5.26
CA LYS B 66 14.70 -1.27 -5.26
C LYS B 66 15.28 -1.11 -3.86
N GLY B 67 14.48 -1.33 -2.81
CA GLY B 67 14.94 -1.10 -1.45
C GLY B 67 15.38 0.33 -1.17
N LEU B 68 14.92 1.31 -1.96
CA LEU B 68 15.43 2.67 -1.86
C LEU B 68 14.76 3.48 -0.76
N ARG B 69 13.59 3.06 -0.28
CA ARG B 69 12.89 3.70 0.83
C ARG B 69 12.68 5.20 0.58
N THR B 70 12.07 5.55 -0.55
CA THR B 70 11.94 6.96 -0.92
C THR B 70 11.17 7.79 0.11
N TRP B 71 10.42 7.16 1.00
CA TRP B 71 9.50 7.86 1.88
C TRP B 71 10.23 8.56 3.02
N GLU B 72 9.56 9.56 3.59
CA GLU B 72 9.91 10.16 4.86
C GLU B 72 8.61 10.42 5.59
N PHE B 73 8.68 10.45 6.92
CA PHE B 73 7.50 10.56 7.77
C PHE B 73 7.64 11.79 8.64
N ILE B 74 6.65 12.66 8.60
CA ILE B 74 6.59 13.82 9.50
C ILE B 74 5.51 13.55 10.52
N VAL B 75 5.90 13.42 11.77
CA VAL B 75 4.99 13.17 12.87
C VAL B 75 4.49 14.50 13.38
N VAL B 76 3.17 14.67 13.49
CA VAL B 76 2.59 15.93 13.93
C VAL B 76 1.63 15.66 15.08
N ASP B 77 1.95 16.21 16.26
CA ASP B 77 0.99 16.23 17.36
C ASP B 77 0.74 17.63 17.90
N ASP B 78 1.34 18.65 17.31
CA ASP B 78 1.07 20.02 17.72
C ASP B 78 -0.34 20.40 17.27
N LYS B 79 -1.15 20.85 18.23
CA LYS B 79 -2.57 21.07 17.96
C LYS B 79 -2.81 22.14 16.89
N GLU B 80 -2.04 23.23 16.92
CA GLU B 80 -2.25 24.28 15.94
C GLU B 80 -1.80 23.85 14.54
N LYS B 81 -0.72 23.07 14.46
CA LYS B 81 -0.30 22.52 13.17
C LYS B 81 -1.33 21.55 12.61
N LEU B 82 -1.90 20.70 13.46
CA LEU B 82 -2.96 19.79 13.02
C LEU B 82 -4.16 20.58 12.49
N ILE B 83 -4.49 21.69 13.15
CA ILE B 83 -5.53 22.58 12.64
C ILE B 83 -5.15 23.11 11.27
N ASN B 84 -3.90 23.56 11.12
CA ASN B 84 -3.46 24.06 9.82
C ASN B 84 -3.57 22.98 8.75
N LEU B 85 -3.14 21.76 9.08
CA LEU B 85 -3.14 20.71 8.08
C LEU B 85 -4.55 20.26 7.73
N SER B 86 -5.50 20.33 8.68
CA SER B 86 -6.87 19.92 8.39
C SER B 86 -7.49 20.72 7.26
N GLN B 87 -6.94 21.88 6.94
CA GLN B 87 -7.38 22.71 5.83
C GLN B 87 -6.63 22.44 4.53
N CYS B 88 -5.88 21.33 4.44
CA CYS B 88 -5.03 21.13 3.26
C CYS B 88 -5.85 20.97 1.99
N ARG B 89 -7.14 20.68 2.11
CA ARG B 89 -8.07 20.66 0.98
C ARG B 89 -9.27 21.49 1.44
N THR B 90 -9.31 22.77 1.01
CA THR B 90 -10.32 23.69 1.52
C THR B 90 -11.72 23.28 1.13
N LYS B 91 -11.88 22.41 0.15
CA LYS B 91 -13.19 21.88 -0.19
C LYS B 91 -13.48 20.54 0.48
N GLY B 92 -12.64 20.12 1.42
CA GLY B 92 -12.92 18.96 2.23
C GLY B 92 -11.98 17.78 1.90
N GLY B 93 -11.95 16.82 2.83
CA GLY B 93 -11.08 15.68 2.68
C GLY B 93 -10.33 15.37 3.97
N GLY B 94 -9.84 16.41 4.65
CA GLY B 94 -9.06 16.22 5.85
C GLY B 94 -9.46 17.08 7.04
N PHE B 95 -10.70 17.63 7.03
CA PHE B 95 -11.11 18.54 8.10
C PHE B 95 -11.06 17.88 9.47
N PHE B 96 -11.29 16.57 9.53
CA PHE B 96 -11.35 15.88 10.83
C PHE B 96 -9.98 15.80 11.50
N LEU B 97 -8.91 16.17 10.79
CA LEU B 97 -7.57 16.21 11.39
C LEU B 97 -7.50 17.19 12.55
N LYS B 98 -8.33 18.24 12.51
CA LYS B 98 -8.39 19.25 13.57
C LYS B 98 -8.50 18.61 14.94
N ASN B 99 -9.33 17.57 15.07
CA ASN B 99 -9.59 16.97 16.36
C ASN B 99 -8.91 15.62 16.51
N ALA B 100 -7.89 15.30 15.64
CA ALA B 100 -7.10 14.13 15.90
C ALA B 100 -5.92 14.47 16.80
N PRO B 101 -5.48 13.53 17.63
CA PRO B 101 -4.30 13.78 18.48
C PRO B 101 -2.97 13.60 17.76
N LEU B 102 -2.97 12.96 16.60
CA LEU B 102 -1.72 12.60 15.93
C LEU B 102 -1.96 12.49 14.44
N ALA B 103 -0.95 12.85 13.66
CA ALA B 103 -0.94 12.57 12.24
C ALA B 103 0.48 12.23 11.80
N ILE B 104 0.60 11.33 10.84
CA ILE B 104 1.87 11.11 10.16
C ILE B 104 1.70 11.53 8.70
N VAL B 105 2.44 12.56 8.31
CA VAL B 105 2.46 13.02 6.93
C VAL B 105 3.48 12.18 6.17
N ILE B 106 3.04 11.50 5.12
CA ILE B 106 3.88 10.63 4.32
C ILE B 106 4.29 11.39 3.08
N ILE B 107 5.60 11.66 2.97
CA ILE B 107 6.17 12.33 1.81
C ILE B 107 7.15 11.38 1.16
N ALA B 108 7.65 11.77 -0.01
CA ALA B 108 8.52 10.89 -0.79
C ALA B 108 9.48 11.74 -1.62
N ASP B 109 10.73 11.29 -1.67
CA ASP B 109 11.75 11.89 -2.53
C ASP B 109 11.47 11.48 -3.98
N LYS B 110 10.69 12.29 -4.70
CA LYS B 110 10.24 11.91 -6.03
C LYS B 110 11.37 11.89 -7.06
N GLU B 111 12.55 12.45 -6.75
CA GLU B 111 13.68 12.35 -7.67
C GLU B 111 14.27 10.95 -7.70
N LYS B 112 14.25 10.26 -6.55
CA LYS B 112 14.98 9.00 -6.41
C LYS B 112 14.35 7.85 -7.19
N ASN B 113 13.03 7.85 -7.37
CA ASN B 113 12.36 6.75 -8.05
C ASN B 113 10.99 7.24 -8.49
N ASP B 114 10.52 6.71 -9.61
CA ASP B 114 9.25 7.14 -10.15
C ASP B 114 8.08 6.27 -9.70
N VAL B 115 8.31 5.33 -8.78
CA VAL B 115 7.22 4.60 -8.15
C VAL B 115 7.20 4.94 -6.66
N TRP B 116 7.46 6.21 -6.35
CA TRP B 116 7.33 6.67 -4.97
C TRP B 116 5.89 6.62 -4.48
N ILE B 117 4.90 6.64 -5.38
CA ILE B 117 3.52 6.54 -4.94
C ILE B 117 3.28 5.19 -4.29
N GLU B 118 3.69 4.13 -4.99
CA GLU B 118 3.66 2.77 -4.46
C GLU B 118 4.35 2.71 -3.09
N ASP B 119 5.62 3.12 -3.04
CA ASP B 119 6.39 3.14 -1.80
C ASP B 119 5.59 3.80 -0.66
N ALA B 120 5.11 5.03 -0.89
CA ALA B 120 4.44 5.75 0.18
C ALA B 120 3.12 5.07 0.56
N SER B 121 2.38 4.55 -0.41
CA SER B 121 1.13 3.86 -0.13
C SER B 121 1.35 2.62 0.74
N ILE B 122 2.43 1.88 0.48
CA ILE B 122 2.70 0.69 1.26
C ILE B 122 3.05 1.05 2.69
N ALA B 123 3.91 2.06 2.88
CA ALA B 123 4.20 2.54 4.23
C ALA B 123 2.93 3.02 4.92
N ALA B 124 2.12 3.80 4.21
CA ALA B 124 0.85 4.25 4.78
C ALA B 124 0.05 3.08 5.33
N SER B 125 -0.11 2.03 4.53
CA SER B 125 -0.97 0.94 4.96
C SER B 125 -0.38 0.20 6.14
N TYR B 126 0.95 0.11 6.21
CA TYR B 126 1.61 -0.47 7.37
C TYR B 126 1.33 0.35 8.62
N ILE B 127 1.42 1.68 8.51
CA ILE B 127 1.08 2.57 9.62
C ILE B 127 -0.33 2.28 10.11
N GLN B 128 -1.27 2.22 9.18
CA GLN B 128 -2.66 2.04 9.56
C GLN B 128 -2.89 0.67 10.20
N LEU B 129 -2.22 -0.37 9.71
CA LEU B 129 -2.44 -1.70 10.30
C LEU B 129 -1.80 -1.81 11.68
N GLN B 130 -0.61 -1.23 11.85
CA GLN B 130 0.00 -1.25 13.16
C GLN B 130 -0.85 -0.46 14.16
N ALA B 131 -1.34 0.72 13.76
CA ALA B 131 -2.26 1.45 14.63
C ALA B 131 -3.47 0.61 15.00
N HIS B 132 -4.05 -0.11 14.02
CA HIS B 132 -5.21 -0.95 14.29
C HIS B 132 -4.87 -2.01 15.33
N GLU B 133 -3.70 -2.63 15.20
CA GLU B 133 -3.29 -3.64 16.19
C GLU B 133 -3.16 -3.04 17.58
N LEU B 134 -2.74 -1.79 17.69
CA LEU B 134 -2.59 -1.13 18.99
C LEU B 134 -3.90 -0.53 19.50
N GLY B 135 -5.03 -0.92 18.92
CA GLY B 135 -6.30 -0.39 19.34
C GLY B 135 -6.55 1.06 18.98
N LEU B 136 -5.91 1.55 17.93
CA LEU B 136 -6.12 2.91 17.46
C LEU B 136 -6.94 2.91 16.17
N GLY B 137 -7.69 3.98 15.94
CA GLY B 137 -8.34 4.19 14.67
C GLY B 137 -7.53 5.14 13.80
N SER B 138 -7.72 5.06 12.49
CA SER B 138 -6.99 5.96 11.60
C SER B 138 -7.80 6.25 10.35
N CYS B 139 -7.40 7.32 9.66
CA CYS B 139 -7.97 7.60 8.34
C CYS B 139 -6.89 8.20 7.45
N TRP B 140 -6.87 7.74 6.22
CA TRP B 140 -6.03 8.27 5.16
C TRP B 140 -6.64 9.55 4.60
N ILE B 141 -5.86 10.62 4.51
CA ILE B 141 -6.26 11.85 3.81
C ILE B 141 -5.43 11.93 2.54
N GLN B 142 -6.10 11.86 1.39
CA GLN B 142 -5.40 11.94 0.11
C GLN B 142 -4.86 13.36 -0.12
N VAL B 143 -3.59 13.45 -0.49
CA VAL B 143 -2.96 14.72 -0.84
C VAL B 143 -2.55 14.73 -2.32
N ARG B 144 -1.89 13.67 -2.78
CA ARG B 144 -1.44 13.63 -4.18
C ARG B 144 -2.64 13.80 -5.10
N ASN B 145 -2.49 14.68 -6.09
CA ASN B 145 -3.54 14.97 -7.07
C ASN B 145 -4.76 15.63 -6.46
N ARG B 146 -4.61 16.30 -5.32
CA ARG B 146 -5.73 17.02 -4.73
C ARG B 146 -5.40 18.50 -4.64
N MET B 147 -6.43 19.33 -4.81
CA MET B 147 -6.28 20.78 -4.78
C MET B 147 -6.41 21.29 -3.35
N TYR B 148 -5.52 22.20 -2.97
CA TYR B 148 -5.78 23.04 -1.81
C TYR B 148 -6.95 23.99 -2.10
N ASP B 149 -6.84 24.76 -3.17
CA ASP B 149 -7.96 25.53 -3.69
C ASP B 149 -7.77 25.59 -5.20
N ASP B 150 -8.43 26.54 -5.86
CA ASP B 150 -8.30 26.60 -7.32
C ASP B 150 -6.90 27.04 -7.76
N ASN B 151 -6.15 27.73 -6.91
CA ASN B 151 -4.83 28.23 -7.29
C ASN B 151 -3.69 27.34 -6.82
N ILE B 152 -3.90 26.53 -5.80
CA ILE B 152 -2.80 25.90 -5.07
C ILE B 152 -3.07 24.42 -4.88
N GLU B 153 -2.03 23.62 -5.09
CA GLU B 153 -2.04 22.19 -4.80
C GLU B 153 -1.99 21.93 -3.29
N ALA B 154 -2.68 20.87 -2.87
CA ALA B 154 -2.59 20.44 -1.47
C ALA B 154 -1.16 20.09 -1.10
N ASP B 155 -0.44 19.41 -2.01
CA ASP B 155 0.99 19.16 -1.83
C ASP B 155 1.74 20.44 -1.47
N LYS B 156 1.52 21.51 -2.23
CA LYS B 156 2.24 22.76 -2.00
C LYS B 156 1.93 23.32 -0.62
N TYR B 157 0.65 23.36 -0.26
CA TYR B 157 0.25 23.93 1.03
C TYR B 157 0.89 23.17 2.19
N ILE B 158 0.97 21.84 2.09
CA ILE B 158 1.53 21.04 3.18
C ILE B 158 3.03 21.25 3.26
N ARG B 159 3.69 21.38 2.11
CA ARG B 159 5.13 21.60 2.15
C ARG B 159 5.48 22.96 2.75
N GLU B 160 4.63 23.97 2.50
CA GLU B 160 4.82 25.26 3.16
C GLU B 160 4.62 25.15 4.66
N GLU B 161 3.58 24.44 5.09
CA GLU B 161 3.23 24.35 6.50
C GLU B 161 4.25 23.55 7.29
N LEU B 162 4.93 22.60 6.65
CA LEU B 162 5.90 21.77 7.35
C LEU B 162 7.35 22.03 6.90
N LYS B 163 7.58 23.10 6.13
CA LYS B 163 8.93 23.49 5.68
C LYS B 163 9.62 22.36 4.90
N VAL B 164 8.86 21.70 4.03
CA VAL B 164 9.36 20.57 3.26
C VAL B 164 10.03 21.03 1.97
N PRO B 165 11.25 20.60 1.66
CA PRO B 165 11.90 21.03 0.41
C PRO B 165 11.16 20.53 -0.83
N SER B 166 11.37 21.26 -1.93
CA SER B 166 10.56 21.09 -3.13
C SER B 166 10.79 19.75 -3.80
N LYS B 167 11.91 19.07 -3.53
CA LYS B 167 12.15 17.78 -4.18
C LYS B 167 11.22 16.67 -3.68
N TYR B 168 10.51 16.89 -2.57
CA TYR B 168 9.57 15.91 -2.03
C TYR B 168 8.15 16.22 -2.51
N SER B 169 7.33 15.18 -2.65
CA SER B 169 5.90 15.40 -2.79
C SER B 169 5.17 14.68 -1.67
N VAL B 170 4.00 15.21 -1.31
CA VAL B 170 3.22 14.70 -0.19
C VAL B 170 2.22 13.68 -0.74
N GLU B 171 2.31 12.45 -0.25
CA GLU B 171 1.40 11.41 -0.73
C GLU B 171 0.06 11.49 -0.01
N CYS B 172 0.09 11.52 1.32
CA CYS B 172 -1.13 11.47 2.13
C CYS B 172 -0.78 11.85 3.58
N ILE B 173 -1.82 12.10 4.36
CA ILE B 173 -1.71 12.23 5.81
C ILE B 173 -2.56 11.14 6.43
N ILE B 174 -2.00 10.43 7.41
CA ILE B 174 -2.76 9.44 8.17
C ILE B 174 -3.05 10.04 9.55
N SER B 175 -4.32 10.31 9.83
CA SER B 175 -4.68 10.75 11.17
C SER B 175 -4.90 9.53 12.05
N ILE B 176 -4.55 9.66 13.33
CA ILE B 176 -4.49 8.54 14.25
C ILE B 176 -5.03 8.99 15.61
N GLY B 177 -5.88 8.17 16.20
CA GLY B 177 -6.35 8.47 17.55
C GLY B 177 -7.26 7.36 18.03
N TYR B 178 -7.64 7.49 19.30
CA TYR B 178 -8.60 6.55 19.86
C TYR B 178 -9.98 6.88 19.31
N SER B 179 -10.65 5.87 18.74
CA SER B 179 -11.93 6.11 18.07
C SER B 179 -12.97 6.64 19.05
N ASP B 180 -13.73 7.63 18.58
CA ASP B 180 -14.91 8.10 19.29
C ASP B 180 -16.16 7.91 18.44
N GLU B 181 -16.14 6.92 17.55
CA GLU B 181 -17.31 6.67 16.71
C GLU B 181 -17.49 5.18 16.48
N GLU B 182 -18.74 4.81 16.25
CA GLU B 182 -19.15 3.42 16.04
C GLU B 182 -19.12 3.09 14.55
N LYS B 183 -18.42 2.02 14.20
CA LYS B 183 -18.36 1.51 12.83
C LYS B 183 -18.54 0.00 12.86
N LYS B 184 -19.32 -0.53 11.93
CA LYS B 184 -19.53 -1.98 11.86
C LYS B 184 -18.33 -2.67 11.23
N ALA B 185 -18.05 -3.90 11.68
CA ALA B 185 -17.04 -4.70 11.03
C ALA B 185 -17.58 -5.26 9.71
N TYR B 186 -16.67 -5.46 8.77
CA TYR B 186 -17.03 -6.17 7.54
C TYR B 186 -17.27 -7.64 7.85
N ASN B 187 -18.03 -8.28 6.98
CA ASN B 187 -18.20 -9.73 7.06
C ASN B 187 -18.15 -10.28 5.64
N ASP B 188 -18.31 -11.60 5.51
CA ASP B 188 -18.04 -12.23 4.24
C ASP B 188 -18.98 -11.80 3.15
N SER B 189 -20.16 -11.28 3.49
CA SER B 189 -21.08 -10.75 2.50
C SER B 189 -20.60 -9.45 1.89
N ASP B 190 -19.61 -8.80 2.49
CA ASP B 190 -19.04 -7.58 1.93
C ASP B 190 -17.98 -7.86 0.88
N LEU B 191 -17.56 -9.10 0.74
CA LEU B 191 -16.48 -9.45 -0.18
C LEU B 191 -17.00 -9.55 -1.61
N ASP B 192 -16.43 -8.73 -2.50
CA ASP B 192 -16.85 -8.65 -3.90
C ASP B 192 -16.07 -9.68 -4.71
N TYR B 193 -16.48 -10.95 -4.58
CA TYR B 193 -15.78 -12.03 -5.26
C TYR B 193 -15.84 -11.95 -6.79
N LYS B 194 -16.81 -11.21 -7.34
CA LYS B 194 -16.85 -10.97 -8.78
C LYS B 194 -15.60 -10.28 -9.30
N LYS B 195 -14.78 -9.69 -8.43
CA LYS B 195 -13.57 -8.99 -8.87
C LYS B 195 -12.38 -9.92 -8.98
N VAL B 196 -12.58 -11.23 -8.81
CA VAL B 196 -11.52 -12.22 -8.95
C VAL B 196 -11.70 -12.97 -10.26
N HIS B 197 -10.67 -12.92 -11.10
CA HIS B 197 -10.60 -13.59 -12.38
C HIS B 197 -9.52 -14.67 -12.29
N PHE B 198 -9.68 -15.73 -13.08
CA PHE B 198 -8.77 -16.87 -13.02
C PHE B 198 -8.14 -17.08 -14.39
N ASN B 199 -6.83 -16.87 -14.48
CA ASN B 199 -5.95 -17.18 -15.61
C ASN B 199 -6.17 -16.33 -16.83
N ASN B 200 -7.09 -15.36 -16.77
CA ASN B 200 -7.42 -14.37 -17.79
C ASN B 200 -8.51 -13.52 -17.17
N PHE B 201 -8.71 -12.33 -17.71
CA PHE B 201 -9.75 -11.42 -17.24
C PHE B 201 -11.13 -12.07 -17.28
N1 FMN C . 11.39 -6.97 -6.78
C2 FMN C . 11.71 -7.50 -8.03
O2 FMN C . 12.45 -8.47 -8.12
N3 FMN C . 11.21 -6.95 -9.18
C4 FMN C . 10.39 -5.84 -9.12
O4 FMN C . 9.93 -5.33 -10.14
C4A FMN C . 10.07 -5.30 -7.89
N5 FMN C . 9.25 -4.20 -7.85
C5A FMN C . 8.90 -3.67 -6.64
C6 FMN C . 8.06 -2.56 -6.62
C7 FMN C . 7.70 -2.01 -5.42
C7M FMN C . 6.79 -0.82 -5.39
C8 FMN C . 8.17 -2.55 -4.24
C8M FMN C . 7.75 -1.95 -2.95
C9 FMN C . 9.00 -3.66 -4.25
C9A FMN C . 9.38 -4.22 -5.46
N10 FMN C . 10.22 -5.32 -5.50
C10 FMN C . 10.57 -5.87 -6.72
C1' FMN C . 10.74 -5.92 -4.23
C2' FMN C . 11.89 -5.09 -3.64
O2' FMN C . 13.10 -5.39 -4.31
C3' FMN C . 12.01 -5.36 -2.14
O3' FMN C . 10.75 -5.17 -1.54
C4' FMN C . 13.02 -4.42 -1.46
O4' FMN C . 14.30 -4.65 -2.02
C5' FMN C . 13.05 -4.67 0.05
O5' FMN C . 13.51 -5.98 0.27
P FMN C . 12.58 -7.06 1.03
O1P FMN C . 11.19 -7.01 0.43
O2P FMN C . 13.13 -8.46 0.87
O3P FMN C . 12.52 -6.64 2.47
N1 IMD D . -12.84 9.41 0.82
C2 IMD D . -12.95 10.67 0.33
N3 IMD D . -12.08 10.81 -0.71
C4 IMD D . -11.42 9.64 -0.88
C5 IMD D . -11.92 8.76 0.09
N1 FMN E . -11.19 9.33 3.70
C2 FMN E . -11.38 10.69 3.89
O2 FMN E . -12.19 11.10 4.72
N3 FMN E . -10.69 11.61 3.15
C4 FMN E . -9.77 11.20 2.21
O4 FMN E . -9.13 12.03 1.56
C4A FMN E . -9.56 9.84 2.03
N5 FMN E . -8.63 9.44 1.09
C5A FMN E . -8.41 8.08 0.91
C6 FMN E . -7.47 7.70 -0.06
C7 FMN E . -7.20 6.37 -0.29
C7M FMN E . -6.18 6.03 -1.34
C8 FMN E . -7.88 5.38 0.44
C8M FMN E . -7.56 3.94 0.18
C9 FMN E . -8.82 5.76 1.41
C9A FMN E . -9.10 7.11 1.65
N10 FMN E . -10.03 7.52 2.61
C10 FMN E . -10.26 8.88 2.79
C1' FMN E . -10.85 6.51 3.39
C2' FMN E . -12.06 6.19 2.45
O2' FMN E . -13.17 7.04 2.61
C3' FMN E . -12.69 4.78 2.36
O3' FMN E . -14.10 4.65 2.52
C4' FMN E . -12.19 3.82 3.37
O4' FMN E . -10.81 3.57 3.24
C5' FMN E . -13.03 2.56 3.13
O5' FMN E . -13.88 2.46 4.23
P FMN E . -13.21 1.83 5.55
O1P FMN E . -13.26 0.34 5.38
O2P FMN E . -11.76 2.21 5.67
O3P FMN E . -13.96 2.24 6.80
N1 IMD F . 13.07 -3.81 -6.42
C2 IMD F . 12.48 -3.24 -7.48
N3 IMD F . 13.13 -3.60 -8.61
C4 IMD F . 14.15 -4.42 -8.26
C5 IMD F . 14.11 -4.54 -6.88
#